data_2AJV
#
_entry.id   2AJV
#
_cell.length_a   90.254
_cell.length_b   117.320
_cell.length_c   85.217
_cell.angle_alpha   90.00
_cell.angle_beta   90.00
_cell.angle_gamma   90.00
#
_symmetry.space_group_name_H-M   'C 2 2 21'
#
loop_
_entity.id
_entity.type
_entity.pdbx_description
1 polymer "Antibody 7A1 Fab'"
2 polymer "Antibody 7A1 Fab'"
3 non-polymer COCAINE
4 water water
#
loop_
_entity_poly.entity_id
_entity_poly.type
_entity_poly.pdbx_seq_one_letter_code
_entity_poly.pdbx_strand_id
1 'polypeptide(L)'
;DIVITQDELSNPVTSGESVSISCRSSRSLLYKDGRTYLNWFLQRPGQSPQLLIYLMSTRASGVSDRFSGSGSGTDFTLEI
SRVKAEDVGVYYCQQFVEYPFTFGSGTKLEIKRADAAPTVSIFPPSSEQLTSGGASVVCFLNNFYPKDINVKWKIDGSER
QNGVLNSWTDQDSKDSTYSMSSTLTLTKDEYERHNSYTCEATHKTSTSPIVKSFNR
;
L
2 'polypeptide(L)'
;EVKLSESGPGLVKPSQSLSLTCTVTGYSITTNYAWTWIRQFPGNKLEWMGYIRSSVITRYNPSLKSRISITQDTSKNQFF
LQLNSVTTEDTATYYCARYDYYGNTGDYWGQGTSVTVSSAKTTPPSVYPLAPGTAALKSSMVTLGCLVKGYFPEPVTVTW
NSGSLSSGVHTFPAVLQSDLYTLTSSVTVPSSTWPSQTVTCNVAHPASSTKVDKKIVPR
;
H
#
# COMPACT_ATOMS: atom_id res chain seq x y z
N ASP A 1 -21.57 -16.00 0.47
CA ASP A 1 -22.22 -17.22 -0.08
C ASP A 1 -21.16 -18.30 -0.23
N ILE A 2 -20.59 -18.41 -1.43
CA ILE A 2 -19.43 -19.27 -1.64
C ILE A 2 -18.22 -18.73 -0.89
N VAL A 3 -17.58 -19.62 -0.15
CA VAL A 3 -16.34 -19.32 0.52
C VAL A 3 -15.16 -19.87 -0.29
N ILE A 4 -14.22 -18.98 -0.54
CA ILE A 4 -13.07 -19.33 -1.33
C ILE A 4 -11.92 -19.33 -0.35
N THR A 5 -11.11 -20.39 -0.39
CA THR A 5 -10.00 -20.53 0.53
C THR A 5 -8.72 -20.58 -0.30
N GLN A 6 -7.67 -19.92 0.17
CA GLN A 6 -6.38 -19.94 -0.51
C GLN A 6 -5.32 -20.54 0.39
N ASP A 7 -4.39 -21.24 -0.24
CA ASP A 7 -3.29 -21.76 0.53
C ASP A 7 -2.18 -20.72 0.69
N GLU A 8 -1.59 -20.69 1.87
CA GLU A 8 -0.44 -19.89 2.14
C GLU A 8 0.77 -20.45 1.39
N LEU A 9 1.68 -19.57 0.96
CA LEU A 9 3.01 -20.05 0.55
C LEU A 9 3.94 -20.07 1.77
N SER A 10 4.39 -21.25 2.16
CA SER A 10 5.23 -21.35 3.36
C SER A 10 6.62 -20.75 3.17
N ASN A 11 7.07 -20.69 1.90
CA ASN A 11 8.45 -20.41 1.63
C ASN A 11 8.62 -19.42 0.50
N PRO A 12 9.63 -18.55 0.59
CA PRO A 12 9.94 -17.63 -0.50
C PRO A 12 10.54 -18.33 -1.72
N VAL A 13 10.30 -17.72 -2.86
CA VAL A 13 10.62 -18.30 -4.17
C VAL A 13 11.76 -17.53 -4.79
N THR A 14 12.82 -18.21 -5.20
CA THR A 14 13.96 -17.53 -5.80
C THR A 14 13.62 -17.15 -7.22
N SER A 15 14.05 -15.97 -7.69
CA SER A 15 13.81 -15.62 -9.08
C SER A 15 14.32 -16.76 -9.97
N GLY A 16 13.49 -17.16 -10.93
CA GLY A 16 13.85 -18.22 -11.84
C GLY A 16 13.19 -19.54 -11.48
N GLU A 17 12.83 -19.71 -10.21
CA GLU A 17 12.01 -20.86 -9.84
C GLU A 17 10.58 -20.64 -10.30
N SER A 18 9.81 -21.73 -10.33
CA SER A 18 8.36 -21.66 -10.63
C SER A 18 7.60 -21.99 -9.37
N VAL A 19 6.36 -21.56 -9.27
CA VAL A 19 5.61 -21.84 -8.05
C VAL A 19 4.14 -22.00 -8.39
N SER A 20 3.47 -22.91 -7.68
CA SER A 20 2.03 -23.07 -7.83
C SER A 20 1.34 -22.45 -6.61
N ILE A 21 0.25 -21.76 -6.88
CA ILE A 21 -0.58 -21.14 -5.84
C ILE A 21 -1.97 -21.72 -5.99
N SER A 22 -2.61 -22.12 -4.89
CA SER A 22 -3.88 -22.82 -5.03
C SER A 22 -5.02 -22.14 -4.29
N CYS A 23 -6.21 -22.37 -4.79
CA CYS A 23 -7.41 -21.92 -4.12
C CYS A 23 -8.48 -22.96 -4.27
N ARG A 24 -9.45 -22.94 -3.35
CA ARG A 24 -10.51 -23.94 -3.28
C ARG A 24 -11.83 -23.24 -3.07
N SER A 25 -12.88 -23.81 -3.64
CA SER A 25 -14.23 -23.31 -3.52
C SER A 25 -15.10 -24.28 -2.76
N SER A 26 -16.01 -23.78 -1.93
CA SER A 26 -17.00 -24.63 -1.21
C SER A 26 -18.04 -25.26 -2.14
N ARG A 27 -18.17 -24.72 -3.36
CA ARG A 27 -19.08 -25.25 -4.37
C ARG A 27 -18.37 -25.27 -5.73
N SER A 28 -18.76 -26.20 -6.60
CA SER A 28 -18.18 -26.27 -7.93
C SER A 28 -18.40 -24.98 -8.70
N LEU A 29 -17.36 -24.53 -9.40
CA LEU A 29 -17.41 -23.33 -10.22
C LEU A 29 -17.54 -23.72 -11.68
N LEU A 30 -17.70 -25.02 -11.95
CA LEU A 30 -17.94 -25.47 -13.30
C LEU A 30 -19.41 -25.21 -13.61
N TYR A 31 -19.66 -24.54 -14.72
CA TYR A 31 -21.00 -24.10 -15.06
C TYR A 31 -21.57 -25.00 -16.14
N LYS A 32 -22.88 -24.91 -16.36
CA LYS A 32 -23.56 -25.71 -17.38
C LYS A 32 -23.03 -25.53 -18.81
N ASP A 33 -22.31 -24.45 -19.09
CA ASP A 33 -21.72 -24.22 -20.41
C ASP A 33 -20.32 -24.84 -20.58
N GLY A 34 -19.90 -25.59 -19.57
CA GLY A 34 -18.61 -26.25 -19.58
C GLY A 34 -17.43 -25.40 -19.12
N ARG A 35 -17.66 -24.09 -18.93
CA ARG A 35 -16.59 -23.18 -18.53
C ARG A 35 -16.53 -23.13 -17.02
N THR A 36 -15.33 -22.88 -16.47
CA THR A 36 -15.18 -22.81 -15.02
C THR A 36 -14.87 -21.36 -14.67
N TYR A 37 -15.74 -20.74 -13.86
CA TYR A 37 -15.71 -19.28 -13.65
C TYR A 37 -14.91 -18.90 -12.42
N LEU A 38 -13.60 -18.90 -12.64
CA LEU A 38 -12.65 -18.64 -11.57
C LEU A 38 -11.65 -17.67 -12.16
N ASN A 39 -11.44 -16.57 -11.46
CA ASN A 39 -10.48 -15.54 -11.85
C ASN A 39 -9.29 -15.54 -10.91
N TRP A 40 -8.12 -15.16 -11.42
CA TRP A 40 -6.95 -14.88 -10.58
C TRP A 40 -6.51 -13.47 -10.84
N PHE A 41 -6.19 -12.75 -9.77
CA PHE A 41 -5.69 -11.37 -9.84
C PHE A 41 -4.36 -11.32 -9.11
N LEU A 42 -3.53 -10.36 -9.53
CA LEU A 42 -2.32 -10.00 -8.78
C LEU A 42 -2.46 -8.59 -8.29
N GLN A 43 -2.24 -8.36 -7.00
CA GLN A 43 -2.20 -7.00 -6.51
C GLN A 43 -0.77 -6.76 -6.06
N ARG A 44 -0.05 -6.00 -6.89
CA ARG A 44 1.31 -5.63 -6.58
C ARG A 44 1.33 -4.60 -5.45
N PRO A 45 2.43 -4.53 -4.69
CA PRO A 45 2.45 -3.61 -3.56
C PRO A 45 2.05 -2.21 -4.02
N GLY A 46 1.04 -1.66 -3.36
CA GLY A 46 0.52 -0.33 -3.62
C GLY A 46 -0.37 -0.10 -4.84
N GLN A 47 -0.68 -1.16 -5.57
CA GLN A 47 -1.46 -0.99 -6.78
C GLN A 47 -2.87 -1.58 -6.69
N SER A 48 -3.69 -1.30 -7.69
CA SER A 48 -4.99 -1.96 -7.87
C SER A 48 -4.80 -3.42 -8.32
N PRO A 49 -5.74 -4.31 -7.98
CA PRO A 49 -5.68 -5.69 -8.49
C PRO A 49 -5.68 -5.67 -10.02
N GLN A 50 -4.89 -6.55 -10.64
CA GLN A 50 -4.76 -6.72 -12.08
C GLN A 50 -5.23 -8.15 -12.39
N LEU A 51 -6.15 -8.32 -13.32
CA LEU A 51 -6.60 -9.64 -13.70
C LEU A 51 -5.47 -10.35 -14.44
N LEU A 52 -5.23 -11.59 -14.05
CA LEU A 52 -4.25 -12.43 -14.75
C LEU A 52 -4.95 -13.46 -15.60
N ILE A 53 -5.95 -14.10 -15.03
CA ILE A 53 -6.59 -15.27 -15.62
C ILE A 53 -8.07 -15.16 -15.33
N TYR A 54 -8.91 -15.46 -16.33
CA TYR A 54 -10.33 -15.65 -16.05
C TYR A 54 -10.75 -16.96 -16.70
N LEU A 55 -11.94 -17.43 -16.34
CA LEU A 55 -12.44 -18.71 -16.83
C LEU A 55 -11.43 -19.80 -16.53
N MET A 56 -10.82 -19.70 -15.35
CA MET A 56 -9.89 -20.65 -14.80
C MET A 56 -8.56 -20.76 -15.50
N SER A 57 -8.56 -20.67 -16.83
CA SER A 57 -7.32 -20.91 -17.58
C SER A 57 -7.03 -19.93 -18.74
N THR A 58 -7.86 -18.90 -18.92
CA THR A 58 -7.63 -17.97 -20.01
C THR A 58 -6.86 -16.78 -19.51
N ARG A 59 -5.70 -16.51 -20.10
CA ARG A 59 -4.95 -15.33 -19.73
C ARG A 59 -5.63 -14.07 -20.20
N ALA A 60 -5.72 -13.08 -19.32
CA ALA A 60 -6.18 -11.76 -19.68
C ALA A 60 -5.24 -11.14 -20.69
N SER A 61 -5.78 -10.21 -21.45
CA SER A 61 -4.99 -9.58 -22.49
C SER A 61 -3.74 -8.93 -21.89
N GLY A 62 -2.60 -9.15 -22.54
CA GLY A 62 -1.36 -8.50 -22.15
C GLY A 62 -0.60 -9.18 -21.02
N VAL A 63 -1.19 -10.23 -20.45
CA VAL A 63 -0.58 -10.91 -19.30
C VAL A 63 0.51 -11.82 -19.81
N SER A 64 1.64 -11.84 -19.10
CA SER A 64 2.77 -12.69 -19.44
C SER A 64 2.35 -14.14 -19.54
N ASP A 65 2.86 -14.84 -20.56
CA ASP A 65 2.59 -16.25 -20.72
C ASP A 65 3.30 -17.12 -19.65
N ARG A 66 4.03 -16.49 -18.71
CA ARG A 66 4.53 -17.20 -17.53
C ARG A 66 3.40 -17.60 -16.55
N PHE A 67 2.24 -16.99 -16.71
CA PHE A 67 1.10 -17.28 -15.85
C PHE A 67 0.14 -18.22 -16.52
N SER A 68 -0.21 -19.31 -15.84
CA SER A 68 -1.16 -20.24 -16.40
C SER A 68 -2.06 -20.76 -15.29
N GLY A 69 -3.30 -21.08 -15.65
CA GLY A 69 -4.25 -21.54 -14.65
C GLY A 69 -4.78 -22.89 -15.04
N SER A 70 -5.08 -23.68 -14.03
CA SER A 70 -5.70 -25.01 -14.21
C SER A 70 -6.57 -25.31 -13.03
N GLY A 71 -7.26 -26.45 -13.11
CA GLY A 71 -8.04 -26.88 -12.00
C GLY A 71 -9.15 -27.81 -12.39
N SER A 72 -9.87 -28.26 -11.38
CA SER A 72 -11.06 -29.07 -11.57
C SER A 72 -12.22 -28.09 -11.43
N GLY A 73 -13.28 -28.49 -10.75
CA GLY A 73 -14.39 -27.60 -10.50
C GLY A 73 -14.33 -26.93 -9.15
N THR A 74 -13.53 -27.51 -8.21
CA THR A 74 -13.44 -26.93 -6.85
C THR A 74 -12.00 -26.63 -6.34
N ASP A 75 -11.00 -27.08 -7.06
CA ASP A 75 -9.59 -26.86 -6.68
C ASP A 75 -8.86 -26.24 -7.83
N PHE A 76 -8.18 -25.10 -7.60
CA PHE A 76 -7.61 -24.36 -8.74
C PHE A 76 -6.18 -24.00 -8.48
N THR A 77 -5.40 -23.91 -9.56
CA THR A 77 -4.00 -23.65 -9.40
C THR A 77 -3.55 -22.64 -10.39
N LEU A 78 -2.86 -21.61 -9.89
CA LEU A 78 -2.12 -20.69 -10.72
C LEU A 78 -0.67 -21.10 -10.69
N GLU A 79 -0.10 -21.35 -11.88
CA GLU A 79 1.32 -21.66 -11.95
C GLU A 79 2.04 -20.41 -12.45
N ILE A 80 3.07 -19.97 -11.72
CA ILE A 80 3.88 -18.83 -12.16
C ILE A 80 5.21 -19.42 -12.54
N SER A 81 5.49 -19.42 -13.83
CA SER A 81 6.76 -19.99 -14.33
C SER A 81 7.85 -18.94 -14.26
N ARG A 82 9.06 -19.33 -13.88
CA ARG A 82 10.23 -18.46 -13.88
C ARG A 82 9.95 -17.12 -13.26
N VAL A 83 9.61 -17.20 -11.98
CA VAL A 83 9.26 -16.05 -11.19
C VAL A 83 10.31 -14.96 -11.33
N LYS A 84 9.83 -13.70 -11.37
CA LYS A 84 10.69 -12.50 -11.47
C LYS A 84 10.41 -11.67 -10.23
N ALA A 85 11.39 -10.84 -9.83
CA ALA A 85 11.21 -9.94 -8.69
C ALA A 85 9.90 -9.18 -8.79
N GLU A 86 9.51 -8.78 -9.99
CA GLU A 86 8.34 -7.94 -10.15
C GLU A 86 7.03 -8.67 -9.98
N ASP A 87 7.10 -9.99 -9.80
CA ASP A 87 5.90 -10.76 -9.55
C ASP A 87 5.46 -10.72 -8.10
N VAL A 88 6.25 -10.10 -7.24
CA VAL A 88 5.89 -10.02 -5.82
C VAL A 88 4.54 -9.30 -5.62
N GLY A 89 3.76 -9.79 -4.64
CA GLY A 89 2.47 -9.18 -4.38
C GLY A 89 1.54 -10.23 -3.83
N VAL A 90 0.24 -9.93 -3.83
CA VAL A 90 -0.75 -10.85 -3.30
C VAL A 90 -1.61 -11.30 -4.46
N TYR A 91 -1.81 -12.63 -4.53
CA TYR A 91 -2.60 -13.24 -5.58
C TYR A 91 -3.94 -13.61 -5.03
N TYR A 92 -5.01 -13.19 -5.70
CA TYR A 92 -6.37 -13.46 -5.22
C TYR A 92 -7.15 -14.26 -6.23
N CYS A 93 -7.96 -15.21 -5.76
CA CYS A 93 -8.92 -15.80 -6.67
C CYS A 93 -10.28 -15.19 -6.42
N GLN A 94 -11.14 -15.27 -7.44
CA GLN A 94 -12.51 -14.80 -7.30
C GLN A 94 -13.40 -15.77 -8.05
N GLN A 95 -14.52 -16.14 -7.45
CA GLN A 95 -15.51 -16.93 -8.17
C GLN A 95 -16.52 -16.04 -8.89
N PHE A 96 -16.98 -16.52 -10.04
CA PHE A 96 -17.94 -15.78 -10.85
C PHE A 96 -19.13 -16.67 -11.23
N VAL A 97 -19.55 -17.50 -10.27
CA VAL A 97 -20.70 -18.38 -10.53
C VAL A 97 -21.96 -18.03 -9.72
N GLU A 98 -21.77 -17.32 -8.61
CA GLU A 98 -22.90 -17.08 -7.71
C GLU A 98 -22.74 -15.71 -7.08
N TYR A 99 -23.84 -14.96 -7.02
CA TYR A 99 -23.81 -13.64 -6.43
C TYR A 99 -23.87 -13.69 -4.88
N PRO A 100 -23.16 -12.83 -4.14
CA PRO A 100 -22.12 -11.94 -4.65
C PRO A 100 -20.87 -12.69 -5.00
N PHE A 101 -20.10 -12.13 -5.92
CA PHE A 101 -18.92 -12.75 -6.48
C PHE A 101 -17.66 -12.63 -5.63
N THR A 102 -17.58 -13.54 -4.69
CA THR A 102 -16.64 -13.45 -3.58
C THR A 102 -15.21 -13.72 -4.01
N PHE A 103 -14.31 -13.15 -3.21
CA PHE A 103 -12.90 -13.28 -3.40
C PHE A 103 -12.28 -14.14 -2.31
N GLY A 104 -11.17 -14.80 -2.64
CA GLY A 104 -10.37 -15.40 -1.59
C GLY A 104 -9.61 -14.33 -0.84
N SER A 105 -8.98 -14.69 0.29
CA SER A 105 -8.30 -13.69 1.09
C SER A 105 -6.86 -13.45 0.67
N GLY A 106 -6.43 -14.14 -0.38
CA GLY A 106 -5.13 -13.85 -1.00
C GLY A 106 -3.99 -14.75 -0.58
N THR A 107 -3.02 -14.90 -1.47
CA THR A 107 -1.79 -15.61 -1.15
C THR A 107 -0.66 -14.65 -1.46
N LYS A 108 0.18 -14.34 -0.46
CA LYS A 108 1.33 -13.46 -0.69
C LYS A 108 2.52 -14.24 -1.23
N LEU A 109 3.08 -13.76 -2.32
CA LEU A 109 4.31 -14.32 -2.87
C LEU A 109 5.49 -13.51 -2.35
N GLU A 110 6.44 -14.20 -1.70
CA GLU A 110 7.68 -13.59 -1.28
C GLU A 110 8.78 -14.11 -2.16
N ILE A 111 9.66 -13.23 -2.61
CA ILE A 111 10.83 -13.62 -3.38
C ILE A 111 12.01 -13.87 -2.47
N LYS A 112 12.72 -14.96 -2.71
CA LYS A 112 13.93 -15.29 -1.97
C LYS A 112 15.11 -14.73 -2.74
N ARG A 113 15.98 -14.02 -2.01
CA ARG A 113 17.20 -13.47 -2.58
C ARG A 113 18.32 -13.66 -1.57
N ALA A 114 19.53 -13.25 -1.96
CA ALA A 114 20.69 -13.30 -1.09
C ALA A 114 20.46 -12.44 0.15
N ASP A 115 20.95 -12.90 1.30
CA ASP A 115 20.87 -12.10 2.52
C ASP A 115 21.55 -10.74 2.30
N ALA A 116 20.95 -9.71 2.87
CA ALA A 116 21.52 -8.36 2.79
C ALA A 116 21.32 -7.69 4.12
N ALA A 117 22.40 -7.12 4.65
CA ALA A 117 22.35 -6.38 5.89
C ALA A 117 21.72 -5.03 5.63
N PRO A 118 21.04 -4.48 6.64
CA PRO A 118 20.43 -3.17 6.52
C PRO A 118 21.47 -2.08 6.49
N THR A 119 21.19 -1.05 5.71
CA THR A 119 21.91 0.21 5.79
C THR A 119 21.15 1.05 6.82
N VAL A 120 21.85 1.40 7.90
CA VAL A 120 21.17 2.02 9.02
C VAL A 120 21.60 3.49 9.09
N SER A 121 20.64 4.39 9.28
CA SER A 121 20.91 5.82 9.40
C SER A 121 20.07 6.37 10.54
N ILE A 122 20.68 7.22 11.36
CA ILE A 122 19.96 7.85 12.46
C ILE A 122 19.91 9.35 12.27
N PHE A 123 18.80 9.95 12.65
CA PHE A 123 18.59 11.39 12.50
C PHE A 123 18.10 12.04 13.78
N PRO A 124 18.77 13.11 14.21
CA PRO A 124 18.26 13.91 15.31
C PRO A 124 16.97 14.65 14.95
N PRO A 125 16.23 15.09 15.96
CA PRO A 125 15.09 15.95 15.76
C PRO A 125 15.53 17.21 15.00
N SER A 126 14.66 17.72 14.14
CA SER A 126 14.94 18.95 13.40
C SER A 126 14.71 20.15 14.32
N SER A 127 15.41 21.24 14.06
CA SER A 127 15.16 22.45 14.87
C SER A 127 13.72 22.93 14.71
N GLU A 128 13.12 22.73 13.54
CA GLU A 128 11.71 23.10 13.36
C GLU A 128 10.78 22.38 14.35
N GLN A 129 11.00 21.08 14.53
CA GLN A 129 10.14 20.29 15.42
C GLN A 129 10.39 20.69 16.86
N LEU A 130 11.65 20.95 17.19
CA LEU A 130 12.00 21.35 18.56
C LEU A 130 11.29 22.64 18.97
N THR A 131 11.16 23.60 18.05
CA THR A 131 10.46 24.86 18.38
C THR A 131 8.98 24.62 18.73
N SER A 132 8.39 23.56 18.18
CA SER A 132 7.01 23.20 18.51
C SER A 132 6.94 22.42 19.81
N GLY A 133 8.10 22.11 20.39
CA GLY A 133 8.20 21.36 21.65
C GLY A 133 8.27 19.85 21.52
N GLY A 134 8.42 19.34 20.30
CA GLY A 134 8.47 17.90 20.06
C GLY A 134 9.87 17.46 19.69
N ALA A 135 10.17 16.18 19.86
CA ALA A 135 11.47 15.65 19.42
C ALA A 135 11.36 14.21 18.94
N SER A 136 11.36 14.01 17.63
CA SER A 136 11.36 12.67 17.09
C SER A 136 12.74 12.32 16.58
N VAL A 137 13.23 11.17 17.00
CA VAL A 137 14.49 10.65 16.52
C VAL A 137 14.16 9.52 15.57
N VAL A 138 14.71 9.56 14.35
CA VAL A 138 14.33 8.60 13.32
C VAL A 138 15.50 7.76 12.96
N CYS A 139 15.24 6.46 12.82
CA CYS A 139 16.23 5.52 12.31
C CYS A 139 15.65 4.82 11.09
N PHE A 140 16.38 4.83 9.99
CA PHE A 140 16.01 4.01 8.83
C PHE A 140 16.89 2.79 8.78
N LEU A 141 16.30 1.64 8.49
CA LEU A 141 17.06 0.40 8.31
C LEU A 141 16.65 -0.07 6.93
N ASN A 142 17.50 0.18 5.94
CA ASN A 142 17.06 0.08 4.54
C ASN A 142 17.69 -1.04 3.77
N ASN A 143 16.87 -1.65 2.90
CA ASN A 143 17.35 -2.61 1.88
C ASN A 143 18.01 -3.83 2.44
N PHE A 144 17.28 -4.50 3.32
CA PHE A 144 17.78 -5.73 3.92
C PHE A 144 16.95 -6.96 3.52
N TYR A 145 17.51 -8.14 3.75
CA TYR A 145 16.82 -9.42 3.46
C TYR A 145 17.48 -10.49 4.31
N PRO A 146 16.74 -11.33 5.04
CA PRO A 146 15.29 -11.48 5.02
C PRO A 146 14.59 -10.41 5.85
N LYS A 147 13.25 -10.44 5.90
CA LYS A 147 12.47 -9.39 6.54
C LYS A 147 12.59 -9.29 8.05
N ASP A 148 13.07 -10.35 8.68
CA ASP A 148 13.11 -10.40 10.13
C ASP A 148 14.22 -9.53 10.65
N ILE A 149 13.86 -8.60 11.53
CA ILE A 149 14.81 -7.62 12.05
C ILE A 149 14.31 -7.05 13.38
N ASN A 150 15.27 -6.68 14.22
CA ASN A 150 14.97 -6.14 15.52
C ASN A 150 15.67 -4.80 15.61
N VAL A 151 14.97 -3.80 16.10
CA VAL A 151 15.61 -2.52 16.39
C VAL A 151 15.45 -2.25 17.88
N LYS A 152 16.53 -1.78 18.50
CA LYS A 152 16.55 -1.36 19.89
C LYS A 152 17.06 0.08 19.95
N TRP A 153 16.37 0.91 20.73
CA TRP A 153 16.82 2.25 21.00
C TRP A 153 17.52 2.29 22.36
N LYS A 154 18.62 3.02 22.40
CA LYS A 154 19.28 3.27 23.69
C LYS A 154 19.50 4.77 23.86
N ILE A 155 19.27 5.27 25.07
CA ILE A 155 19.47 6.68 25.37
C ILE A 155 20.46 6.70 26.52
N ASP A 156 21.60 7.36 26.31
CA ASP A 156 22.67 7.36 27.32
C ASP A 156 22.94 5.97 27.83
N GLY A 157 22.99 5.02 26.89
CA GLY A 157 23.33 3.64 27.18
C GLY A 157 22.23 2.78 27.75
N SER A 158 21.05 3.36 28.02
CA SER A 158 19.93 2.61 28.57
C SER A 158 18.86 2.33 27.50
N GLU A 159 18.40 1.08 27.45
CA GLU A 159 17.31 0.70 26.53
C GLU A 159 16.06 1.51 26.75
N ARG A 160 15.49 1.98 25.65
CA ARG A 160 14.26 2.74 25.68
C ARG A 160 13.20 1.99 24.89
N GLN A 161 12.09 1.67 25.53
CA GLN A 161 11.01 0.96 24.83
C GLN A 161 9.79 1.82 24.53
N ASN A 162 9.50 2.79 25.39
CA ASN A 162 8.33 3.63 25.16
C ASN A 162 8.54 4.78 24.19
N GLY A 163 7.49 5.08 23.43
CA GLY A 163 7.54 6.18 22.49
C GLY A 163 8.09 5.80 21.13
N VAL A 164 8.26 4.50 20.89
CA VAL A 164 8.83 3.98 19.64
C VAL A 164 7.71 3.47 18.74
N LEU A 165 7.71 3.92 17.49
CA LEU A 165 6.77 3.41 16.51
C LEU A 165 7.53 2.99 15.28
N ASN A 166 7.24 1.78 14.84
CA ASN A 166 7.94 1.17 13.71
C ASN A 166 7.02 1.05 12.51
N SER A 167 7.63 1.06 11.33
CA SER A 167 6.90 0.81 10.09
C SER A 167 7.76 0.05 9.12
N TRP A 168 7.17 -0.89 8.40
CA TRP A 168 7.92 -1.79 7.51
C TRP A 168 7.35 -1.65 6.10
N THR A 169 8.21 -1.58 5.09
CA THR A 169 7.72 -1.54 3.73
C THR A 169 7.36 -2.95 3.30
N ASP A 170 6.57 -3.05 2.24
CA ASP A 170 6.41 -4.32 1.54
C ASP A 170 7.73 -4.68 0.85
N GLN A 171 7.82 -5.91 0.36
CA GLN A 171 9.02 -6.30 -0.36
C GLN A 171 9.14 -5.54 -1.67
N ASP A 172 10.35 -5.03 -1.94
CA ASP A 172 10.61 -4.24 -3.13
C ASP A 172 10.48 -5.07 -4.42
N SER A 173 9.80 -4.51 -5.41
CA SER A 173 9.52 -5.21 -6.67
C SER A 173 10.74 -5.30 -7.57
N LYS A 174 11.78 -4.54 -7.27
CA LYS A 174 13.00 -4.53 -8.09
C LYS A 174 14.15 -5.31 -7.46
N ASP A 175 14.45 -5.06 -6.20
CA ASP A 175 15.59 -5.76 -5.59
C ASP A 175 15.20 -6.75 -4.48
N SER A 176 13.90 -6.92 -4.24
CA SER A 176 13.39 -7.95 -3.32
C SER A 176 13.83 -7.77 -1.87
N THR A 177 14.23 -6.54 -1.51
CA THR A 177 14.57 -6.29 -0.12
C THR A 177 13.41 -5.65 0.60
N TYR A 178 13.63 -5.46 1.91
CA TYR A 178 12.71 -4.76 2.78
C TYR A 178 13.41 -3.60 3.45
N SER A 179 12.59 -2.70 3.95
CA SER A 179 13.09 -1.58 4.73
C SER A 179 12.18 -1.32 5.90
N MET A 180 12.70 -0.59 6.88
CA MET A 180 11.93 -0.36 8.09
C MET A 180 12.35 1.02 8.58
N SER A 181 11.40 1.75 9.17
CA SER A 181 11.70 3.00 9.87
C SER A 181 11.29 2.82 11.32
N SER A 182 12.08 3.37 12.24
CA SER A 182 11.73 3.35 13.63
C SER A 182 11.87 4.78 14.09
N THR A 183 10.86 5.27 14.79
CA THR A 183 10.83 6.63 15.27
C THR A 183 10.61 6.62 16.76
N LEU A 184 11.52 7.27 17.46
CA LEU A 184 11.33 7.44 18.90
C LEU A 184 10.85 8.84 19.13
N THR A 185 9.66 9.01 19.72
CA THR A 185 9.17 10.37 19.95
C THR A 185 9.16 10.72 21.44
N LEU A 186 9.79 11.86 21.76
CA LEU A 186 9.85 12.43 23.12
C LEU A 186 9.38 13.87 23.07
N THR A 187 9.20 14.50 24.24
CA THR A 187 9.03 15.94 24.24
C THR A 187 10.39 16.57 24.09
N LYS A 188 10.43 17.84 23.74
CA LYS A 188 11.68 18.58 23.64
C LYS A 188 12.40 18.52 24.99
N ASP A 189 11.64 18.72 26.07
CA ASP A 189 12.30 18.76 27.36
C ASP A 189 12.88 17.40 27.76
N GLU A 190 12.21 16.30 27.43
CA GLU A 190 12.79 14.99 27.67
C GLU A 190 14.03 14.78 26.81
N TYR A 191 13.96 15.23 25.56
CA TYR A 191 15.06 15.07 24.64
C TYR A 191 16.31 15.77 25.16
N GLU A 192 16.12 16.96 25.72
CA GLU A 192 17.22 17.81 26.19
C GLU A 192 17.83 17.29 27.51
N ARG A 193 17.22 16.27 28.10
CA ARG A 193 17.72 15.70 29.35
C ARG A 193 18.77 14.60 29.10
N HIS A 194 19.03 14.30 27.84
CA HIS A 194 19.96 13.21 27.54
C HIS A 194 20.88 13.58 26.41
N ASN A 195 21.98 12.85 26.30
CA ASN A 195 22.97 13.23 25.32
C ASN A 195 23.05 12.26 24.15
N SER A 196 23.29 10.98 24.43
CA SER A 196 23.59 10.06 23.35
C SER A 196 22.34 9.23 22.99
N TYR A 197 22.04 9.20 21.69
CA TYR A 197 20.89 8.44 21.19
C TYR A 197 21.39 7.42 20.21
N THR A 198 20.94 6.18 20.39
CA THR A 198 21.44 5.07 19.60
C THR A 198 20.32 4.22 19.05
N CYS A 199 20.45 3.86 17.78
CA CYS A 199 19.58 2.88 17.12
C CYS A 199 20.44 1.65 16.86
N GLU A 200 19.99 0.46 17.27
CA GLU A 200 20.75 -0.77 17.13
C GLU A 200 19.92 -1.77 16.35
N ALA A 201 20.43 -2.23 15.21
CA ALA A 201 19.72 -3.17 14.36
C ALA A 201 20.32 -4.54 14.49
N THR A 202 19.49 -5.52 14.80
CA THR A 202 19.93 -6.90 14.84
C THR A 202 19.21 -7.68 13.75
N HIS A 203 20.01 -8.35 12.92
CA HIS A 203 19.55 -9.01 11.72
C HIS A 203 20.42 -10.24 11.51
N LYS A 204 19.91 -11.24 10.80
CA LYS A 204 20.64 -12.53 10.65
C LYS A 204 22.02 -12.45 10.00
N THR A 205 22.29 -11.34 9.31
CA THR A 205 23.54 -11.14 8.59
C THR A 205 24.75 -10.82 9.47
N SER A 206 24.52 -10.58 10.76
CA SER A 206 25.62 -10.51 11.72
C SER A 206 25.19 -10.81 13.13
N THR A 207 26.11 -11.38 13.90
CA THR A 207 25.84 -11.68 15.31
C THR A 207 25.87 -10.41 16.16
N SER A 208 26.62 -9.41 15.70
CA SER A 208 26.70 -8.12 16.39
C SER A 208 25.79 -7.09 15.72
N PRO A 209 25.06 -6.32 16.52
CA PRO A 209 24.10 -5.37 15.99
C PRO A 209 24.82 -4.27 15.23
N ILE A 210 24.15 -3.69 14.23
CA ILE A 210 24.63 -2.49 13.58
C ILE A 210 24.16 -1.32 14.44
N VAL A 211 25.10 -0.52 14.91
CA VAL A 211 24.81 0.53 15.88
C VAL A 211 25.06 1.88 15.24
N LYS A 212 24.05 2.74 15.19
CA LYS A 212 24.26 4.11 14.77
C LYS A 212 23.82 5.02 15.88
N SER A 213 24.61 6.06 16.14
CA SER A 213 24.31 6.97 17.25
C SER A 213 24.65 8.41 16.92
N PHE A 214 24.11 9.34 17.71
CA PHE A 214 24.61 10.72 17.70
C PHE A 214 24.58 11.23 19.13
N ASN A 215 25.32 12.31 19.37
CA ASN A 215 25.24 13.03 20.64
C ASN A 215 24.59 14.36 20.41
N ARG A 216 23.58 14.65 21.22
CA ARG A 216 22.87 15.91 21.16
C ARG A 216 23.84 17.05 21.45
N GLU B 1 -6.86 5.86 -23.34
CA GLU B 1 -7.83 4.81 -23.77
C GLU B 1 -8.74 4.35 -22.62
N VAL B 2 -9.34 3.17 -22.79
CA VAL B 2 -10.37 2.67 -21.87
C VAL B 2 -9.79 2.46 -20.49
N LYS B 3 -10.31 3.24 -19.54
CA LYS B 3 -9.83 3.23 -18.19
C LYS B 3 -11.01 3.71 -17.31
N LEU B 4 -10.82 3.58 -16.02
CA LEU B 4 -11.82 3.98 -15.05
C LEU B 4 -11.09 4.74 -13.99
N SER B 5 -11.71 5.82 -13.54
CA SER B 5 -11.10 6.71 -12.55
C SER B 5 -12.13 7.05 -11.46
N GLU B 6 -11.81 6.73 -10.20
CA GLU B 6 -12.66 7.05 -9.06
C GLU B 6 -12.37 8.46 -8.54
N SER B 7 -13.41 9.11 -8.03
CA SER B 7 -13.17 10.33 -7.29
C SER B 7 -14.19 10.45 -6.19
N GLY B 8 -13.85 11.26 -5.21
CA GLY B 8 -14.79 11.58 -4.15
C GLY B 8 -14.04 11.86 -2.86
N PRO B 9 -14.75 12.28 -1.83
CA PRO B 9 -14.15 12.60 -0.56
C PRO B 9 -13.40 11.44 0.06
N GLY B 10 -12.29 11.75 0.69
CA GLY B 10 -11.42 10.81 1.35
C GLY B 10 -11.81 10.57 2.79
N LEU B 11 -12.73 11.37 3.29
CA LEU B 11 -13.15 11.33 4.69
C LEU B 11 -14.64 11.64 4.76
N VAL B 12 -15.37 10.84 5.52
CA VAL B 12 -16.81 11.01 5.70
C VAL B 12 -17.08 10.77 7.16
N LYS B 13 -18.03 11.49 7.74
CA LYS B 13 -18.34 11.28 9.17
C LYS B 13 -19.31 10.13 9.35
N PRO B 14 -19.18 9.39 10.45
CA PRO B 14 -20.14 8.33 10.73
C PRO B 14 -21.56 8.86 10.66
N SER B 15 -22.43 8.03 10.11
CA SER B 15 -23.86 8.28 9.96
C SER B 15 -24.20 9.05 8.69
N GLN B 16 -23.20 9.64 8.05
CA GLN B 16 -23.44 10.34 6.81
C GLN B 16 -23.37 9.37 5.64
N SER B 17 -23.60 9.89 4.44
CA SER B 17 -23.47 9.05 3.25
C SER B 17 -22.11 9.24 2.62
N LEU B 18 -21.59 8.14 2.07
CA LEU B 18 -20.35 8.13 1.30
C LEU B 18 -20.79 8.13 -0.18
N SER B 19 -20.29 9.05 -0.97
CA SER B 19 -20.56 9.09 -2.40
C SER B 19 -19.23 9.07 -3.15
N LEU B 20 -19.17 8.20 -4.14
CA LEU B 20 -18.03 8.16 -5.05
C LEU B 20 -18.48 8.16 -6.48
N THR B 21 -17.62 8.67 -7.36
CA THR B 21 -17.89 8.70 -8.79
C THR B 21 -16.87 7.85 -9.53
N CYS B 22 -17.30 7.09 -10.51
CA CYS B 22 -16.38 6.41 -11.40
C CYS B 22 -16.60 7.01 -12.77
N THR B 23 -15.53 7.59 -13.32
CA THR B 23 -15.58 8.14 -14.66
C THR B 23 -14.97 7.16 -15.67
N VAL B 24 -15.75 6.77 -16.65
CA VAL B 24 -15.27 5.84 -17.65
C VAL B 24 -14.67 6.68 -18.78
N THR B 25 -13.47 6.32 -19.17
CA THR B 25 -12.79 7.09 -20.22
C THR B 25 -12.49 6.17 -21.39
N GLY B 26 -12.42 6.80 -22.55
CA GLY B 26 -12.05 6.18 -23.79
C GLY B 26 -13.22 5.68 -24.59
N TYR B 27 -14.33 5.42 -23.89
CA TYR B 27 -15.28 4.42 -24.29
C TYR B 27 -16.61 4.89 -23.71
N SER B 28 -17.73 4.55 -24.34
CA SER B 28 -19.03 4.92 -23.79
C SER B 28 -19.48 3.98 -22.68
N ILE B 29 -20.02 4.55 -21.61
CA ILE B 29 -20.61 3.75 -20.53
C ILE B 29 -21.84 2.95 -20.97
N THR B 30 -22.39 3.31 -22.13
CA THR B 30 -23.52 2.52 -22.65
C THR B 30 -23.14 1.17 -23.21
N THR B 31 -21.85 0.86 -23.31
CA THR B 31 -21.47 -0.51 -23.67
C THR B 31 -21.91 -1.45 -22.56
N ASN B 32 -22.18 -2.69 -22.93
CA ASN B 32 -22.93 -3.59 -22.06
C ASN B 32 -22.05 -4.38 -21.12
N TYR B 33 -21.71 -3.76 -20.01
CA TYR B 33 -20.92 -4.42 -18.98
C TYR B 33 -21.63 -4.25 -17.65
N ALA B 34 -21.16 -4.99 -16.65
CA ALA B 34 -21.56 -4.74 -15.27
C ALA B 34 -20.56 -3.77 -14.68
N TRP B 35 -21.03 -2.54 -14.45
CA TRP B 35 -20.20 -1.49 -13.92
C TRP B 35 -20.25 -1.66 -12.41
N THR B 36 -19.08 -1.98 -11.84
CA THR B 36 -19.02 -2.61 -10.52
C THR B 36 -18.26 -1.77 -9.51
N TRP B 37 -18.66 -1.85 -8.24
CA TRP B 37 -17.91 -1.31 -7.13
C TRP B 37 -17.42 -2.46 -6.26
N ILE B 38 -16.15 -2.38 -5.89
CA ILE B 38 -15.49 -3.36 -5.01
C ILE B 38 -14.76 -2.56 -3.96
N ARG B 39 -14.68 -3.05 -2.73
CA ARG B 39 -13.85 -2.37 -1.76
C ARG B 39 -12.87 -3.29 -1.09
N GLN B 40 -11.78 -2.70 -0.61
CA GLN B 40 -10.74 -3.48 0.02
C GLN B 40 -10.49 -2.90 1.41
N PHE B 41 -10.64 -3.71 2.43
CA PHE B 41 -10.56 -3.25 3.81
C PHE B 41 -9.12 -3.18 4.25
N PRO B 42 -8.84 -2.41 5.32
CA PRO B 42 -7.55 -2.53 5.98
C PRO B 42 -7.33 -4.04 6.27
N GLY B 43 -6.18 -4.58 5.91
CA GLY B 43 -5.98 -6.01 6.10
C GLY B 43 -6.17 -6.75 4.80
N ASN B 44 -6.75 -6.04 3.84
CA ASN B 44 -6.72 -6.40 2.44
C ASN B 44 -7.81 -7.34 1.89
N LYS B 45 -8.79 -7.66 2.72
CA LYS B 45 -9.95 -8.43 2.27
C LYS B 45 -10.73 -7.64 1.23
N LEU B 46 -11.15 -8.32 0.17
CA LEU B 46 -11.90 -7.67 -0.91
C LEU B 46 -13.39 -8.04 -0.79
N GLU B 47 -14.26 -7.05 -1.02
CA GLU B 47 -15.69 -7.26 -0.99
C GLU B 47 -16.35 -6.70 -2.24
N TRP B 48 -17.09 -7.54 -2.94
CA TRP B 48 -17.89 -7.14 -4.09
C TRP B 48 -19.09 -6.40 -3.53
N MET B 49 -19.31 -5.16 -3.98
CA MET B 49 -20.39 -4.34 -3.41
C MET B 49 -21.64 -4.41 -4.26
N GLY B 50 -21.48 -4.28 -5.58
CA GLY B 50 -22.66 -4.34 -6.47
C GLY B 50 -22.30 -3.84 -7.85
N TYR B 51 -23.28 -3.89 -8.75
CA TYR B 51 -23.10 -3.39 -10.11
C TYR B 51 -24.34 -2.63 -10.55
N ILE B 52 -24.14 -1.88 -11.62
CA ILE B 52 -25.24 -1.39 -12.45
C ILE B 52 -25.00 -1.84 -13.87
N ARG B 53 -26.07 -2.10 -14.59
CA ARG B 53 -25.99 -2.55 -15.95
C ARG B 53 -27.20 -1.98 -16.68
N SER B 54 -27.03 -1.72 -17.96
CA SER B 54 -28.10 -1.16 -18.77
C SER B 54 -28.67 0.12 -18.17
N SER B 55 -27.84 0.93 -17.58
CA SER B 55 -28.20 2.27 -17.09
C SER B 55 -29.01 2.29 -15.83
N VAL B 56 -29.86 1.27 -15.59
CA VAL B 56 -30.84 1.36 -14.51
C VAL B 56 -31.04 0.09 -13.71
N ILE B 57 -30.30 -0.97 -14.02
CA ILE B 57 -30.55 -2.25 -13.37
C ILE B 57 -29.38 -2.55 -12.43
N THR B 58 -29.64 -2.81 -11.16
CA THR B 58 -28.54 -2.95 -10.17
C THR B 58 -28.72 -4.24 -9.35
N ARG B 59 -27.67 -4.65 -8.66
CA ARG B 59 -27.79 -5.68 -7.67
C ARG B 59 -26.65 -5.48 -6.70
N TYR B 60 -26.90 -5.77 -5.44
CA TYR B 60 -25.96 -5.45 -4.38
C TYR B 60 -25.64 -6.62 -3.49
N ASN B 61 -24.51 -6.55 -2.83
CA ASN B 61 -24.18 -7.56 -1.84
C ASN B 61 -25.16 -7.46 -0.65
N PRO B 62 -25.80 -8.56 -0.27
CA PRO B 62 -26.70 -8.51 0.88
C PRO B 62 -25.99 -8.02 2.14
N SER B 63 -24.65 -8.11 2.21
CA SER B 63 -23.93 -7.62 3.37
C SER B 63 -24.20 -6.14 3.62
N LEU B 64 -24.51 -5.43 2.54
CA LEU B 64 -24.68 -3.97 2.62
C LEU B 64 -26.10 -3.58 3.01
N LYS B 65 -26.96 -4.59 3.17
CA LYS B 65 -28.34 -4.38 3.58
C LYS B 65 -29.01 -3.33 2.68
N SER B 66 -29.70 -2.36 3.23
CA SER B 66 -30.42 -1.45 2.33
C SER B 66 -29.63 -0.16 2.15
N ARG B 67 -28.32 -0.20 2.42
CA ARG B 67 -27.55 1.05 2.52
C ARG B 67 -26.96 1.56 1.23
N ILE B 68 -26.92 0.72 0.20
CA ILE B 68 -26.21 1.02 -1.04
C ILE B 68 -27.14 1.32 -2.19
N SER B 69 -26.75 2.33 -2.98
CA SER B 69 -27.41 2.64 -4.23
C SER B 69 -26.30 2.87 -5.25
N ILE B 70 -26.42 2.27 -6.42
CA ILE B 70 -25.53 2.59 -7.53
C ILE B 70 -26.39 3.18 -8.60
N THR B 71 -25.94 4.28 -9.18
CA THR B 71 -26.72 4.94 -10.24
C THR B 71 -25.78 5.34 -11.34
N GLN B 72 -26.33 5.83 -12.43
CA GLN B 72 -25.49 6.19 -13.57
C GLN B 72 -25.97 7.51 -14.18
N ASP B 73 -25.03 8.29 -14.71
CA ASP B 73 -25.36 9.50 -15.50
C ASP B 73 -24.68 9.30 -16.84
N THR B 74 -25.44 8.80 -17.79
CA THR B 74 -24.92 8.46 -19.10
C THR B 74 -24.29 9.72 -19.75
N SER B 75 -24.94 10.87 -19.59
CA SER B 75 -24.46 12.15 -20.18
C SER B 75 -23.07 12.56 -19.72
N LYS B 76 -22.64 12.07 -18.56
CA LYS B 76 -21.28 12.32 -18.07
C LYS B 76 -20.35 11.09 -18.18
N ASN B 77 -20.87 9.96 -18.67
CA ASN B 77 -20.08 8.74 -18.77
C ASN B 77 -19.60 8.29 -17.38
N GLN B 78 -20.45 8.47 -16.39
CA GLN B 78 -20.14 8.16 -14.98
C GLN B 78 -21.14 7.25 -14.35
N PHE B 79 -20.66 6.45 -13.41
CA PHE B 79 -21.56 5.78 -12.47
C PHE B 79 -21.12 6.06 -11.06
N PHE B 80 -22.04 5.86 -10.12
CA PHE B 80 -21.91 6.42 -8.80
C PHE B 80 -22.22 5.38 -7.75
N LEU B 81 -21.51 5.47 -6.64
CA LEU B 81 -21.78 4.67 -5.46
C LEU B 81 -22.29 5.61 -4.39
N GLN B 82 -23.40 5.24 -3.73
CA GLN B 82 -23.81 5.96 -2.56
C GLN B 82 -23.99 4.90 -1.50
N LEU B 83 -23.32 5.08 -0.39
CA LEU B 83 -23.43 4.12 0.72
C LEU B 83 -23.86 4.93 1.93
N ASN B 84 -25.07 4.65 2.40
CA ASN B 84 -25.65 5.42 3.47
C ASN B 84 -25.27 4.96 4.87
N SER B 85 -25.50 5.83 5.84
CA SER B 85 -25.34 5.46 7.25
C SER B 85 -24.01 4.81 7.52
N VAL B 86 -22.92 5.47 7.11
CA VAL B 86 -21.64 4.79 7.23
C VAL B 86 -21.17 4.66 8.66
N THR B 87 -20.34 3.65 8.91
CA THR B 87 -19.65 3.56 10.18
C THR B 87 -18.18 3.39 9.93
N THR B 88 -17.39 3.40 10.99
CA THR B 88 -15.95 3.16 10.84
C THR B 88 -15.62 1.85 10.12
N GLU B 89 -16.52 0.87 10.17
CA GLU B 89 -16.30 -0.39 9.43
C GLU B 89 -16.35 -0.25 7.91
N ASP B 90 -16.77 0.91 7.42
CA ASP B 90 -16.81 1.20 5.97
C ASP B 90 -15.53 1.86 5.50
N THR B 91 -14.58 2.06 6.40
CA THR B 91 -13.27 2.57 6.01
C THR B 91 -12.63 1.52 5.08
N ALA B 92 -12.24 1.95 3.89
CA ALA B 92 -11.70 1.00 2.88
C ALA B 92 -11.18 1.77 1.69
N THR B 93 -10.46 1.07 0.80
CA THR B 93 -10.16 1.62 -0.50
C THR B 93 -11.24 1.10 -1.42
N TYR B 94 -11.87 2.01 -2.15
CA TYR B 94 -12.98 1.70 -3.04
C TYR B 94 -12.50 1.72 -4.46
N TYR B 95 -12.86 0.67 -5.18
CA TYR B 95 -12.48 0.52 -6.57
C TYR B 95 -13.70 0.41 -7.43
N CYS B 96 -13.65 1.00 -8.62
CA CYS B 96 -14.63 0.65 -9.63
C CYS B 96 -13.97 -0.23 -10.69
N ALA B 97 -14.82 -1.01 -11.37
CA ALA B 97 -14.31 -2.01 -12.30
C ALA B 97 -15.39 -2.28 -13.31
N ARG B 98 -14.99 -2.81 -14.45
CA ARG B 98 -15.95 -3.20 -15.46
C ARG B 98 -15.86 -4.71 -15.60
N TYR B 99 -16.95 -5.41 -15.32
CA TYR B 99 -16.97 -6.87 -15.52
C TYR B 99 -17.80 -7.25 -16.72
N ASP B 100 -17.37 -8.31 -17.42
CA ASP B 100 -18.22 -8.89 -18.47
C ASP B 100 -18.78 -10.22 -18.03
N TYR B 101 -19.53 -10.85 -18.93
CA TYR B 101 -20.24 -12.05 -18.56
C TYR B 101 -19.31 -13.17 -18.11
N TYR B 102 -18.10 -13.18 -18.64
CA TYR B 102 -17.14 -14.26 -18.31
C TYR B 102 -16.26 -13.96 -17.11
N GLY B 103 -16.48 -12.83 -16.44
CA GLY B 103 -15.65 -12.47 -15.30
C GLY B 103 -14.45 -11.61 -15.64
N ASN B 104 -14.31 -11.28 -16.91
CA ASN B 104 -13.15 -10.57 -17.39
C ASN B 104 -13.31 -9.07 -17.08
N THR B 105 -12.29 -8.46 -16.48
CA THR B 105 -12.35 -7.05 -16.16
C THR B 105 -11.46 -6.28 -17.12
N GLY B 106 -10.73 -7.01 -17.96
CA GLY B 106 -9.58 -6.46 -18.68
C GLY B 106 -8.66 -5.68 -17.74
N ASP B 107 -8.14 -4.57 -18.26
CA ASP B 107 -7.36 -3.62 -17.44
C ASP B 107 -8.30 -2.64 -16.74
N TYR B 108 -9.60 -2.91 -16.79
CA TYR B 108 -10.58 -1.93 -16.33
C TYR B 108 -10.93 -2.13 -14.85
N TRP B 109 -9.92 -1.82 -14.00
CA TRP B 109 -10.06 -1.49 -12.55
C TRP B 109 -9.49 -0.12 -12.30
N GLY B 110 -10.23 0.69 -11.58
CA GLY B 110 -9.76 2.01 -11.20
C GLY B 110 -8.57 2.00 -10.27
N GLN B 111 -7.93 3.16 -10.08
CA GLN B 111 -6.73 3.24 -9.23
C GLN B 111 -7.05 3.06 -7.75
N GLY B 112 -8.30 3.30 -7.39
CA GLY B 112 -8.72 3.15 -6.00
C GLY B 112 -8.76 4.49 -5.33
N THR B 113 -9.75 4.67 -4.46
CA THR B 113 -9.85 5.87 -3.61
C THR B 113 -10.04 5.46 -2.17
N SER B 114 -9.16 5.91 -1.30
CA SER B 114 -9.30 5.67 0.10
C SER B 114 -10.45 6.48 0.68
N VAL B 115 -11.34 5.83 1.42
CA VAL B 115 -12.31 6.58 2.19
C VAL B 115 -12.20 6.18 3.65
N THR B 116 -11.94 7.17 4.50
CA THR B 116 -11.89 6.94 5.92
C THR B 116 -13.18 7.44 6.49
N VAL B 117 -13.83 6.62 7.31
CA VAL B 117 -15.02 7.05 8.03
C VAL B 117 -14.63 7.33 9.46
N SER B 118 -14.70 8.60 9.83
CA SER B 118 -14.22 9.01 11.15
C SER B 118 -14.78 10.36 11.50
N SER B 119 -14.94 10.59 12.81
CA SER B 119 -15.32 11.93 13.28
C SER B 119 -14.12 12.85 13.48
N ALA B 120 -12.90 12.33 13.31
CA ALA B 120 -11.69 13.12 13.55
C ALA B 120 -11.52 14.24 12.51
N LYS B 121 -10.84 15.31 12.91
CA LYS B 121 -10.77 16.51 12.08
C LYS B 121 -9.64 16.38 11.07
N THR B 122 -9.89 16.86 9.85
CA THR B 122 -8.86 16.95 8.83
C THR B 122 -7.74 17.82 9.37
N THR B 123 -6.51 17.34 9.25
CA THR B 123 -5.35 18.04 9.79
C THR B 123 -4.22 17.89 8.79
N PRO B 124 -3.58 18.97 8.36
CA PRO B 124 -2.46 18.87 7.46
C PRO B 124 -1.21 18.44 8.24
N PRO B 125 -0.25 17.83 7.56
CA PRO B 125 0.98 17.41 8.20
C PRO B 125 1.92 18.57 8.50
N SER B 126 2.72 18.38 9.57
CA SER B 126 3.98 19.15 9.72
C SER B 126 5.07 18.33 9.05
N VAL B 127 5.94 18.98 8.25
CA VAL B 127 6.95 18.25 7.49
C VAL B 127 8.29 18.70 8.02
N TYR B 128 9.06 17.76 8.56
CA TYR B 128 10.35 18.09 9.14
C TYR B 128 11.48 17.44 8.37
N PRO B 129 12.57 18.15 8.17
CA PRO B 129 13.70 17.60 7.43
C PRO B 129 14.51 16.67 8.30
N LEU B 130 14.99 15.57 7.71
CA LEU B 130 15.87 14.66 8.42
C LEU B 130 17.23 14.76 7.76
N ALA B 131 18.17 15.43 8.44
CA ALA B 131 19.52 15.60 7.90
C ALA B 131 20.51 14.92 8.85
N PRO B 132 21.61 14.37 8.33
CA PRO B 132 22.55 13.61 9.18
C PRO B 132 23.21 14.45 10.27
N GLY B 133 23.39 13.86 11.45
CA GLY B 133 23.99 14.54 12.62
C GLY B 133 25.27 15.30 12.32
N THR B 134 26.30 14.56 11.90
CA THR B 134 27.55 15.18 11.44
C THR B 134 27.94 14.62 10.08
N ALA B 135 29.25 14.45 9.87
CA ALA B 135 29.75 13.77 8.67
C ALA B 135 29.94 12.27 8.96
N ALA B 136 30.06 11.49 7.90
CA ALA B 136 30.40 10.07 7.98
C ALA B 136 31.11 9.65 6.68
N LEU B 137 31.26 8.35 6.46
CA LEU B 137 31.96 7.82 5.28
C LEU B 137 31.48 8.45 3.96
N LYS B 138 32.19 9.48 3.51
CA LYS B 138 31.87 10.17 2.24
C LYS B 138 32.55 9.48 1.04
N SER B 139 32.38 10.06 -0.16
CA SER B 139 32.79 9.52 -1.44
C SER B 139 31.84 8.33 -1.81
N SER B 140 30.83 8.09 -1.01
CA SER B 140 29.87 7.04 -1.20
C SER B 140 28.45 7.61 -1.19
N MET B 141 27.59 7.09 -0.30
CA MET B 141 26.18 7.45 -0.28
C MET B 141 25.77 8.16 1.01
N VAL B 142 24.78 9.05 0.91
CA VAL B 142 24.21 9.68 2.08
C VAL B 142 22.69 9.49 2.05
N THR B 143 22.12 9.17 3.21
CA THR B 143 20.67 9.08 3.33
C THR B 143 20.09 10.30 4.02
N LEU B 144 19.03 10.83 3.41
CA LEU B 144 18.29 11.98 3.92
C LEU B 144 16.84 11.57 4.10
N GLY B 145 16.03 12.40 4.72
CA GLY B 145 14.62 11.98 4.83
C GLY B 145 13.75 13.14 5.19
N CYS B 146 12.48 12.81 5.35
CA CYS B 146 11.46 13.76 5.63
C CYS B 146 10.53 13.09 6.59
N LEU B 147 10.18 13.76 7.68
CA LEU B 147 9.24 13.24 8.65
C LEU B 147 7.94 14.01 8.47
N VAL B 148 6.86 13.26 8.22
CA VAL B 148 5.58 13.84 7.88
C VAL B 148 4.65 13.52 9.02
N LYS B 149 4.42 14.48 9.90
CA LYS B 149 3.86 14.19 11.20
C LYS B 149 2.52 14.86 11.44
N GLY B 150 1.58 14.10 12.00
CA GLY B 150 0.40 14.71 12.54
C GLY B 150 -0.68 15.11 11.55
N TYR B 151 -0.96 14.24 10.59
CA TYR B 151 -1.99 14.56 9.59
C TYR B 151 -3.16 13.61 9.68
N PHE B 152 -4.27 14.03 9.11
CA PHE B 152 -5.43 13.16 9.03
C PHE B 152 -6.31 13.70 7.94
N PRO B 153 -6.94 12.87 7.11
CA PRO B 153 -6.80 11.41 7.04
C PRO B 153 -5.67 11.03 6.07
N GLU B 154 -5.46 9.73 5.85
CA GLU B 154 -4.63 9.27 4.74
C GLU B 154 -5.32 9.61 3.42
N PRO B 155 -4.58 9.71 2.31
CA PRO B 155 -3.12 9.57 2.21
C PRO B 155 -2.38 10.89 2.10
N VAL B 156 -1.07 10.77 2.19
CA VAL B 156 -0.17 11.82 1.69
C VAL B 156 0.60 11.24 0.54
N THR B 157 1.07 12.11 -0.35
CA THR B 157 2.01 11.72 -1.40
C THR B 157 3.33 12.41 -1.14
N VAL B 158 4.43 11.65 -1.15
CA VAL B 158 5.75 12.22 -0.96
C VAL B 158 6.54 12.03 -2.23
N THR B 159 7.15 13.13 -2.71
CA THR B 159 8.13 13.02 -3.80
C THR B 159 9.38 13.73 -3.37
N TRP B 160 10.45 13.51 -4.12
CA TRP B 160 11.74 14.14 -3.84
C TRP B 160 12.17 14.90 -5.12
N ASN B 161 12.59 16.15 -4.97
CA ASN B 161 12.92 17.03 -6.12
C ASN B 161 11.84 16.96 -7.19
N SER B 162 10.59 17.07 -6.73
CA SER B 162 9.42 17.12 -7.61
C SER B 162 9.31 15.89 -8.49
N GLY B 163 9.90 14.78 -8.05
CA GLY B 163 9.76 13.52 -8.76
C GLY B 163 11.01 13.14 -9.53
N SER B 164 11.91 14.12 -9.71
CA SER B 164 13.18 13.90 -10.39
C SER B 164 14.08 12.95 -9.64
N LEU B 165 13.87 12.85 -8.33
CA LEU B 165 14.60 11.90 -7.49
C LEU B 165 13.66 10.75 -7.25
N SER B 166 13.82 9.66 -7.98
CA SER B 166 12.90 8.56 -7.80
C SER B 166 13.55 7.28 -7.34
N SER B 167 14.79 7.06 -7.75
CA SER B 167 15.52 5.89 -7.34
C SER B 167 16.06 6.11 -5.93
N GLY B 168 16.09 5.06 -5.13
CA GLY B 168 16.68 5.15 -3.79
C GLY B 168 15.79 5.82 -2.76
N VAL B 169 14.49 5.89 -3.07
CA VAL B 169 13.49 6.43 -2.15
C VAL B 169 12.75 5.30 -1.42
N HIS B 170 12.48 5.49 -0.13
CA HIS B 170 11.60 4.59 0.63
C HIS B 170 10.62 5.44 1.38
N THR B 171 9.35 5.38 1.02
CA THR B 171 8.31 6.03 1.79
C THR B 171 7.55 4.99 2.59
N PHE B 172 7.57 5.14 3.90
CA PHE B 172 7.10 4.09 4.77
C PHE B 172 5.60 4.21 5.05
N PRO B 173 4.91 3.09 5.31
CA PRO B 173 3.52 3.17 5.70
C PRO B 173 3.34 4.05 6.93
N ALA B 174 2.25 4.79 6.96
CA ALA B 174 1.98 5.66 8.10
C ALA B 174 1.59 4.83 9.30
N VAL B 175 1.78 5.43 10.46
CA VAL B 175 1.35 4.83 11.73
C VAL B 175 0.35 5.81 12.34
N LEU B 176 -0.76 5.29 12.83
CA LEU B 176 -1.83 6.11 13.36
C LEU B 176 -1.73 6.09 14.87
N GLN B 177 -1.86 7.28 15.45
CA GLN B 177 -1.99 7.40 16.89
C GLN B 177 -2.78 8.65 17.26
N SER B 178 -3.73 8.50 18.18
CA SER B 178 -4.54 9.64 18.62
C SER B 178 -5.16 10.39 17.43
N ASP B 179 -5.71 9.65 16.47
CA ASP B 179 -6.34 10.23 15.27
C ASP B 179 -5.42 11.09 14.40
N LEU B 180 -4.12 10.88 14.53
CA LEU B 180 -3.17 11.50 13.61
C LEU B 180 -2.20 10.48 13.08
N TYR B 181 -1.78 10.67 11.84
CA TYR B 181 -0.83 9.77 11.21
C TYR B 181 0.54 10.43 11.16
N THR B 182 1.55 9.58 11.16
CA THR B 182 2.92 9.98 10.94
C THR B 182 3.58 9.02 10.00
N LEU B 183 4.35 9.54 9.04
CA LEU B 183 5.13 8.69 8.17
C LEU B 183 6.39 9.42 7.81
N THR B 184 7.40 8.58 7.44
CA THR B 184 8.69 9.15 7.01
C THR B 184 9.01 8.63 5.63
N SER B 185 9.91 9.33 4.96
CA SER B 185 10.40 8.93 3.67
C SER B 185 11.89 9.18 3.70
N SER B 186 12.64 8.20 3.20
CA SER B 186 14.10 8.35 3.06
C SER B 186 14.46 8.44 1.60
N VAL B 187 15.56 9.12 1.33
CA VAL B 187 16.15 9.11 -0.02
C VAL B 187 17.63 8.95 0.16
N THR B 188 18.25 8.19 -0.72
CA THR B 188 19.69 7.97 -0.63
C THR B 188 20.31 8.46 -1.93
N VAL B 189 21.29 9.35 -1.77
CA VAL B 189 21.95 9.97 -2.92
C VAL B 189 23.47 9.90 -2.75
N PRO B 190 24.22 10.04 -3.84
CA PRO B 190 25.68 10.12 -3.71
C PRO B 190 26.11 11.32 -2.86
N SER B 191 27.08 11.10 -1.97
CA SER B 191 27.61 12.15 -1.10
C SER B 191 28.15 13.34 -1.90
N SER B 192 28.50 13.09 -3.16
CA SER B 192 28.98 14.13 -4.08
C SER B 192 27.89 15.13 -4.47
N THR B 193 26.64 14.71 -4.39
CA THR B 193 25.51 15.52 -4.85
C THR B 193 24.83 16.36 -3.74
N TRP B 194 25.07 16.02 -2.48
CA TRP B 194 24.48 16.77 -1.38
C TRP B 194 25.55 16.99 -0.33
N PRO B 195 25.74 18.25 0.10
CA PRO B 195 24.73 19.29 -0.01
C PRO B 195 24.93 20.23 -1.20
N SER B 196 25.94 19.95 -2.03
CA SER B 196 26.25 20.80 -3.19
C SER B 196 25.07 20.97 -4.13
N GLN B 197 24.22 19.96 -4.23
CA GLN B 197 23.01 20.04 -5.04
C GLN B 197 21.85 19.78 -4.11
N THR B 198 20.77 20.56 -4.26
CA THR B 198 19.74 20.56 -3.24
C THR B 198 18.86 19.34 -3.33
N VAL B 199 18.34 18.94 -2.19
CA VAL B 199 17.39 17.86 -2.12
C VAL B 199 16.21 18.37 -1.31
N THR B 200 14.99 18.22 -1.85
CA THR B 200 13.77 18.77 -1.26
C THR B 200 12.71 17.68 -1.26
N CYS B 201 12.03 17.50 -0.14
CA CYS B 201 10.87 16.60 -0.20
C CYS B 201 9.61 17.40 -0.42
N ASN B 202 8.71 16.86 -1.23
CA ASN B 202 7.45 17.53 -1.54
C ASN B 202 6.33 16.65 -1.01
N VAL B 203 5.51 17.20 -0.13
CA VAL B 203 4.52 16.42 0.57
C VAL B 203 3.14 16.96 0.31
N ALA B 204 2.32 16.18 -0.38
CA ALA B 204 0.97 16.64 -0.67
C ALA B 204 -0.03 15.96 0.23
N HIS B 205 -0.97 16.73 0.73
CA HIS B 205 -2.07 16.16 1.49
C HIS B 205 -3.38 16.66 0.93
N PRO B 206 -3.88 15.99 -0.11
CA PRO B 206 -5.02 16.50 -0.85
C PRO B 206 -6.23 16.75 0.01
N ALA B 207 -6.39 15.94 1.05
CA ALA B 207 -7.57 16.06 1.90
C ALA B 207 -7.67 17.40 2.60
N SER B 208 -6.54 18.06 2.82
CA SER B 208 -6.56 19.40 3.43
C SER B 208 -6.11 20.47 2.43
N SER B 209 -6.03 20.11 1.15
CA SER B 209 -5.57 21.07 0.10
C SER B 209 -4.22 21.70 0.46
N THR B 210 -3.31 20.88 0.97
CA THR B 210 -2.01 21.40 1.37
C THR B 210 -0.89 20.65 0.66
N LYS B 211 0.14 21.36 0.26
CA LYS B 211 1.34 20.76 -0.28
C LYS B 211 2.49 21.57 0.25
N VAL B 212 3.49 20.87 0.76
CA VAL B 212 4.60 21.52 1.43
C VAL B 212 5.88 21.03 0.81
N ASP B 213 6.83 21.94 0.58
CA ASP B 213 8.17 21.53 0.21
C ASP B 213 9.08 21.79 1.39
N LYS B 214 9.98 20.85 1.64
CA LYS B 214 10.96 21.04 2.69
C LYS B 214 12.34 20.72 2.14
N LYS B 215 13.17 21.75 1.99
CA LYS B 215 14.53 21.56 1.53
C LYS B 215 15.33 20.96 2.68
N ILE B 216 16.15 19.96 2.39
CA ILE B 216 16.97 19.35 3.42
C ILE B 216 18.30 20.09 3.46
N VAL B 217 18.54 20.86 4.52
CA VAL B 217 19.82 21.60 4.64
C VAL B 217 20.72 20.94 5.66
N PRO B 218 22.04 20.97 5.44
CA PRO B 218 22.96 20.33 6.37
C PRO B 218 22.83 20.92 7.76
N ARG B 219 23.11 20.11 8.77
CA ARG B 219 23.09 20.57 10.15
C ARG B 219 24.29 21.50 10.34
#